data_1JOV
#
_entry.id   1JOV
#
_cell.length_a   80.540
_cell.length_b   38.860
_cell.length_c   92.360
_cell.angle_alpha   90.00
_cell.angle_beta   110.16
_cell.angle_gamma   90.00
#
_symmetry.space_group_name_H-M   'C 1 2 1'
#
loop_
_entity.id
_entity.type
_entity.pdbx_description
1 polymer HI1317
2 non-polymer 'SULFATE ION'
3 non-polymer 2-AMINO-2-HYDROXYMETHYL-PROPANE-1,3-DIOL
4 water water
#
_entity_poly.entity_id   1
_entity_poly.type   'polypeptide(L)'
_entity_poly.pdbx_seq_one_letter_code
;MKTTLLKTLTPELHLVQHNDIPVLHLKHAVGTAKISLQGAQLISWKPQNAKQDVLWLSEVEPFKNGNAIRGGVPICYPWF
GGVKQPAHGTARIRLWQLSHYYISVHKVRLEFELFSDLNIIEAKVSMVFTDKCHLTFTHYGEESAQAALHTYFNIGDINQ
VEVQGLPETCFNSLNQQQENVPSPRHISENVDCIYSAENMQNQILDKSFNRTIALHHHNASQFVLWNPWHKKTSGMSETG
YQKMLCLETARIHHLLEFGESLSVEISLKG
;
_entity_poly.pdbx_strand_id   A
#
# COMPACT_ATOMS: atom_id res chain seq x y z
N MET A 1 20.29 -4.79 5.88
CA MET A 1 19.84 -4.83 7.30
C MET A 1 20.56 -3.76 8.18
N LYS A 2 21.22 -2.79 7.54
CA LYS A 2 21.98 -1.73 8.22
C LYS A 2 21.21 -0.45 8.14
N THR A 3 21.13 0.25 9.25
CA THR A 3 20.46 1.54 9.23
C THR A 3 21.39 2.60 9.80
N THR A 4 21.26 3.82 9.28
N THR A 4 21.30 3.82 9.32
CA THR A 4 22.00 5.04 9.67
CA THR A 4 21.95 4.90 10.02
C THR A 4 21.07 6.25 9.76
C THR A 4 21.20 6.19 9.76
N LEU A 5 21.25 7.10 10.76
CA LEU A 5 20.46 8.32 10.83
C LEU A 5 20.94 9.35 9.84
N LEU A 6 20.04 9.84 8.98
CA LEU A 6 20.38 10.81 7.98
C LEU A 6 20.00 12.19 8.36
N LYS A 7 18.86 12.33 9.03
CA LYS A 7 18.40 13.66 9.39
C LYS A 7 17.24 13.61 10.32
N THR A 8 17.38 14.49 11.34
CA THR A 8 16.43 14.70 12.42
C THR A 8 15.61 15.89 11.91
N LEU A 9 14.45 15.65 11.34
CA LEU A 9 13.63 16.77 10.87
C LEU A 9 12.94 17.44 12.07
N THR A 10 12.28 16.64 12.90
CA THR A 10 11.73 17.10 14.21
C THR A 10 12.00 15.99 15.20
N PRO A 11 11.70 16.19 16.48
CA PRO A 11 11.87 15.11 17.47
C PRO A 11 11.04 13.89 17.13
N GLU A 12 9.95 14.09 16.39
CA GLU A 12 9.05 12.99 16.07
C GLU A 12 9.28 12.41 14.66
N LEU A 13 10.18 13.00 13.86
CA LEU A 13 10.28 12.61 12.43
C LEU A 13 11.72 12.56 12.03
N HIS A 14 12.23 11.37 11.69
N HIS A 14 12.23 11.37 11.74
CA HIS A 14 13.60 11.25 11.32
CA HIS A 14 13.62 11.21 11.42
C HIS A 14 13.74 10.59 10.00
C HIS A 14 13.79 10.55 10.06
N LEU A 15 14.85 10.87 9.35
CA LEU A 15 15.17 10.22 8.07
C LEU A 15 16.32 9.27 8.33
N VAL A 16 16.06 7.99 8.04
CA VAL A 16 16.98 6.87 8.37
C VAL A 16 17.19 6.04 7.13
N GLN A 17 18.45 5.77 6.81
N GLN A 17 18.45 5.77 6.81
CA GLN A 17 18.80 5.00 5.62
CA GLN A 17 18.77 4.96 5.66
C GLN A 17 18.74 3.53 5.88
C GLN A 17 18.64 3.52 5.99
N HIS A 18 17.90 2.76 5.19
CA HIS A 18 17.83 1.31 5.35
C HIS A 18 18.53 0.71 4.16
N ASN A 19 19.73 0.15 4.40
N ASN A 19 19.75 0.22 4.41
CA ASN A 19 20.56 -0.33 3.30
CA ASN A 19 20.61 -0.25 3.32
C ASN A 19 20.75 0.82 2.30
C ASN A 19 20.79 0.85 2.28
N ASP A 20 20.23 0.66 1.12
CA ASP A 20 20.34 1.69 0.05
C ASP A 20 19.30 2.82 0.07
N ILE A 21 18.17 2.64 0.74
CA ILE A 21 17.03 3.53 0.62
C ILE A 21 16.68 4.38 1.86
N PRO A 22 16.44 5.68 1.68
CA PRO A 22 16.09 6.58 2.81
C PRO A 22 14.63 6.37 3.20
N VAL A 23 14.37 6.27 4.48
CA VAL A 23 13.06 6.00 5.03
C VAL A 23 12.75 6.98 6.15
N LEU A 24 11.59 7.65 6.07
CA LEU A 24 11.20 8.45 7.17
C LEU A 24 10.63 7.60 8.26
N HIS A 25 11.03 7.91 9.51
CA HIS A 25 10.43 7.29 10.67
C HIS A 25 9.61 8.33 11.48
N LEU A 26 8.33 8.09 11.68
CA LEU A 26 7.46 8.92 12.47
C LEU A 26 7.12 8.21 13.81
N LYS A 27 7.31 8.88 14.95
CA LYS A 27 6.88 8.37 16.26
C LYS A 27 6.15 9.48 16.99
N HIS A 28 4.86 9.29 17.13
CA HIS A 28 4.00 10.39 17.57
C HIS A 28 2.91 9.84 18.42
N ALA A 29 2.20 10.73 19.09
CA ALA A 29 1.08 10.25 19.89
C ALA A 29 0.17 9.37 19.07
N VAL A 30 -0.06 9.73 17.81
CA VAL A 30 -0.96 8.96 16.98
C VAL A 30 -0.43 7.57 16.60
N GLY A 31 0.85 7.32 16.85
CA GLY A 31 1.40 6.03 16.55
C GLY A 31 2.73 6.14 15.81
N THR A 32 3.10 5.10 15.05
CA THR A 32 4.38 5.14 14.36
C THR A 32 4.18 4.79 12.88
N ALA A 33 5.08 5.22 12.04
CA ALA A 33 4.99 4.92 10.62
C ALA A 33 6.37 4.97 10.00
N LYS A 34 6.57 4.33 8.87
CA LYS A 34 7.79 4.41 8.15
C LYS A 34 7.41 4.55 6.70
N ILE A 35 8.07 5.47 6.06
CA ILE A 35 7.76 5.75 4.64
C ILE A 35 9.05 5.75 3.82
N SER A 36 9.17 4.86 2.87
CA SER A 36 10.35 4.86 2.05
C SER A 36 10.26 6.05 1.06
N LEU A 37 11.31 6.82 0.89
CA LEU A 37 11.24 7.90 -0.14
C LEU A 37 11.26 7.31 -1.58
N GLN A 38 11.76 6.08 -1.68
CA GLN A 38 11.70 5.41 -2.96
C GLN A 38 10.21 5.00 -3.09
N GLY A 39 9.54 5.50 -4.08
CA GLY A 39 8.13 5.15 -4.36
C GLY A 39 7.15 5.83 -3.36
N ALA A 40 7.61 6.81 -2.59
CA ALA A 40 6.76 7.43 -1.54
C ALA A 40 5.96 6.31 -0.90
N GLN A 41 6.64 5.25 -0.44
CA GLN A 41 5.95 4.04 -0.09
C GLN A 41 5.76 3.81 1.40
N LEU A 42 4.57 4.04 1.93
CA LEU A 42 4.34 3.71 3.34
C LEU A 42 4.62 2.18 3.58
N ILE A 43 5.63 1.88 4.41
CA ILE A 43 5.87 0.47 4.72
C ILE A 43 5.54 -0.07 6.10
N SER A 44 5.17 0.84 7.00
CA SER A 44 4.77 0.41 8.35
C SER A 44 3.79 1.45 8.90
N TRP A 45 2.79 0.97 9.57
CA TRP A 45 1.87 1.91 10.24
C TRP A 45 1.29 1.21 11.46
N LYS A 46 1.59 1.70 12.64
CA LYS A 46 1.05 1.03 13.84
C LYS A 46 0.38 2.13 14.65
N PRO A 47 -0.92 2.28 14.47
CA PRO A 47 -1.65 3.32 15.23
C PRO A 47 -1.66 2.96 16.76
N GLN A 48 -1.90 3.97 17.56
CA GLN A 48 -1.74 3.84 19.03
C GLN A 48 -2.57 2.65 19.53
N ASN A 49 -1.88 1.78 20.27
CA ASN A 49 -2.48 0.66 20.94
C ASN A 49 -2.68 -0.57 20.09
N ALA A 50 -2.43 -0.43 18.80
CA ALA A 50 -2.54 -1.56 17.90
C ALA A 50 -1.42 -2.43 18.35
N LYS A 51 -1.65 -3.72 18.39
CA LYS A 51 -0.63 -4.65 18.91
C LYS A 51 0.31 -5.10 17.82
N GLN A 52 -0.18 -5.04 16.58
N GLN A 52 -0.16 -5.00 16.58
CA GLN A 52 0.63 -5.45 15.48
CA GLN A 52 0.65 -5.45 15.47
C GLN A 52 0.65 -4.32 14.44
C GLN A 52 0.61 -4.38 14.40
N ASP A 53 1.70 -4.26 13.66
CA ASP A 53 1.71 -3.34 12.56
C ASP A 53 0.47 -3.60 11.66
N VAL A 54 -0.14 -2.57 11.11
CA VAL A 54 -1.24 -2.73 10.17
C VAL A 54 -0.78 -3.22 8.81
N LEU A 55 0.46 -2.84 8.41
CA LEU A 55 0.94 -3.21 7.10
C LEU A 55 2.00 -4.34 7.15
N TRP A 56 2.07 -5.09 6.09
CA TRP A 56 3.09 -6.12 6.05
C TRP A 56 4.25 -5.72 5.19
N LEU A 57 5.44 -6.09 5.63
CA LEU A 57 6.68 -5.82 4.90
C LEU A 57 7.45 -7.15 4.88
N SER A 58 7.91 -7.56 3.71
CA SER A 58 8.66 -8.85 3.60
C SER A 58 9.85 -8.91 4.53
N GLU A 59 9.93 -10.04 5.25
CA GLU A 59 11.01 -10.23 6.20
C GLU A 59 12.36 -10.41 5.50
N VAL A 60 12.28 -10.59 4.20
CA VAL A 60 13.49 -10.65 3.43
C VAL A 60 13.67 -9.47 2.48
N GLU A 61 13.01 -8.39 2.79
CA GLU A 61 13.10 -7.21 1.94
C GLU A 61 14.55 -6.66 1.87
N PRO A 62 15.08 -6.60 0.63
CA PRO A 62 16.46 -6.10 0.40
C PRO A 62 16.79 -4.61 0.59
N PHE A 63 15.74 -3.81 0.54
CA PHE A 63 15.99 -2.41 0.44
C PHE A 63 17.08 -1.89 -0.49
N LYS A 64 16.98 -2.30 -1.73
CA LYS A 64 17.88 -1.90 -2.76
C LYS A 64 17.36 -0.83 -3.70
N ASN A 65 18.16 0.21 -3.90
N ASN A 65 18.12 0.24 -3.86
CA ASN A 65 17.72 1.30 -4.72
CA ASN A 65 17.67 1.37 -4.68
C ASN A 65 17.31 0.82 -6.10
C ASN A 65 17.34 0.91 -6.10
N GLY A 66 16.14 1.27 -6.55
CA GLY A 66 15.66 0.84 -7.85
C GLY A 66 14.91 -0.47 -8.00
N ASN A 67 14.76 -1.22 -6.92
CA ASN A 67 14.10 -2.49 -6.80
C ASN A 67 12.85 -2.32 -5.87
N ALA A 68 11.72 -2.62 -6.42
CA ALA A 68 10.45 -2.35 -5.75
C ALA A 68 10.44 -3.04 -4.44
N ILE A 69 10.01 -2.34 -3.38
CA ILE A 69 9.93 -2.90 -2.07
C ILE A 69 8.70 -3.76 -1.94
N ARG A 70 8.84 -4.97 -1.38
CA ARG A 70 7.79 -5.96 -1.25
C ARG A 70 7.06 -5.78 0.05
N GLY A 71 5.95 -5.04 0.00
CA GLY A 71 5.18 -4.78 1.21
C GLY A 71 4.69 -3.37 1.37
N GLY A 72 3.93 -3.02 2.40
CA GLY A 72 3.51 -1.62 2.51
C GLY A 72 2.49 -1.21 1.45
N VAL A 73 2.61 0.01 0.91
CA VAL A 73 1.63 0.45 -0.08
C VAL A 73 2.33 0.98 -1.29
N PRO A 74 2.80 0.08 -2.16
CA PRO A 74 3.48 0.49 -3.40
C PRO A 74 2.45 1.26 -4.25
N ILE A 75 2.96 2.23 -4.93
CA ILE A 75 2.17 3.04 -5.87
C ILE A 75 2.36 2.51 -7.28
N CYS A 76 1.35 1.86 -7.83
CA CYS A 76 1.48 1.39 -9.24
C CYS A 76 1.01 2.48 -10.16
N TYR A 77 1.85 2.95 -11.05
CA TYR A 77 1.56 4.10 -11.89
C TYR A 77 2.69 4.28 -12.87
N PRO A 78 2.42 4.64 -14.12
CA PRO A 78 1.09 4.96 -14.69
C PRO A 78 0.40 3.81 -15.44
N TRP A 79 0.89 2.60 -15.26
CA TRP A 79 0.23 1.43 -15.78
C TRP A 79 0.17 0.42 -14.65
N PHE A 80 -0.75 -0.54 -14.77
CA PHE A 80 -1.01 -1.55 -13.77
C PHE A 80 -0.60 -2.92 -14.26
N GLY A 81 0.15 -3.61 -13.41
CA GLY A 81 0.54 -5.00 -13.70
C GLY A 81 1.53 -5.13 -14.82
N GLY A 82 1.53 -6.30 -15.45
CA GLY A 82 2.52 -6.55 -16.47
C GLY A 82 2.02 -6.16 -17.87
N VAL A 83 1.18 -5.13 -18.00
CA VAL A 83 0.79 -4.84 -19.38
C VAL A 83 2.00 -4.28 -20.17
N LYS A 84 2.97 -3.75 -19.44
CA LYS A 84 4.30 -3.30 -19.89
C LYS A 84 5.34 -3.59 -18.85
N GLN A 85 6.59 -3.50 -19.27
CA GLN A 85 7.68 -3.70 -18.37
C GLN A 85 8.38 -2.37 -18.12
N PRO A 86 8.76 -2.08 -16.89
CA PRO A 86 8.59 -2.95 -15.72
C PRO A 86 7.14 -3.11 -15.21
N ALA A 87 6.77 -4.22 -14.61
CA ALA A 87 5.42 -4.34 -14.08
C ALA A 87 5.09 -3.16 -13.11
N HIS A 88 3.85 -2.70 -13.21
CA HIS A 88 3.36 -1.65 -12.29
C HIS A 88 3.95 -0.30 -12.45
N GLY A 89 4.65 -0.04 -13.56
CA GLY A 89 5.11 1.31 -13.83
C GLY A 89 6.37 1.73 -13.07
N THR A 90 6.66 3.04 -13.06
CA THR A 90 7.96 3.48 -12.57
C THR A 90 7.87 4.21 -11.26
N ALA A 91 6.68 4.57 -10.87
CA ALA A 91 6.55 5.30 -9.64
C ALA A 91 7.23 4.62 -8.42
N ARG A 92 7.14 3.32 -8.33
CA ARG A 92 7.51 2.66 -7.11
C ARG A 92 9.05 2.37 -7.04
N ILE A 93 9.69 2.64 -8.16
CA ILE A 93 11.15 2.52 -8.29
C ILE A 93 11.95 3.80 -8.45
N ARG A 94 11.31 4.95 -8.25
CA ARG A 94 11.89 6.26 -8.40
C ARG A 94 11.81 7.02 -7.02
N LEU A 95 12.79 7.83 -6.73
CA LEU A 95 12.85 8.55 -5.47
C LEU A 95 11.86 9.71 -5.60
N TRP A 96 11.04 9.82 -4.58
CA TRP A 96 10.19 11.00 -4.39
C TRP A 96 10.81 11.96 -3.34
N GLN A 97 10.31 13.18 -3.27
CA GLN A 97 10.77 14.13 -2.27
C GLN A 97 9.66 14.39 -1.25
N LEU A 98 10.06 14.63 0.02
CA LEU A 98 9.11 15.03 1.08
C LEU A 98 8.95 16.55 0.88
N SER A 99 7.78 16.99 0.42
CA SER A 99 7.59 18.39 0.12
C SER A 99 6.89 19.15 1.23
N HIS A 100 6.27 18.43 2.11
CA HIS A 100 5.63 19.04 3.26
C HIS A 100 5.38 18.14 4.41
N TYR A 101 5.60 18.63 5.63
CA TYR A 101 5.21 17.85 6.81
C TYR A 101 4.55 18.82 7.84
N TYR A 102 3.38 18.42 8.37
CA TYR A 102 2.59 19.18 9.34
C TYR A 102 2.40 18.26 10.54
N ILE A 103 2.87 18.72 11.66
CA ILE A 103 2.70 18.00 12.91
C ILE A 103 1.95 18.78 13.98
N SER A 104 0.88 18.12 14.50
CA SER A 104 0.08 18.70 15.57
C SER A 104 -0.40 17.62 16.54
N VAL A 105 -1.06 18.06 17.63
CA VAL A 105 -1.43 17.17 18.65
C VAL A 105 -2.08 15.90 18.22
N HIS A 106 -3.11 15.96 17.38
CA HIS A 106 -3.76 14.68 17.09
C HIS A 106 -3.60 14.22 15.65
N LYS A 107 -2.65 14.77 14.93
CA LYS A 107 -2.61 14.47 13.49
C LYS A 107 -1.28 14.84 12.85
N VAL A 108 -0.94 14.03 11.87
CA VAL A 108 0.28 14.29 11.16
C VAL A 108 0.03 14.19 9.68
N ARG A 109 0.50 15.20 8.96
CA ARG A 109 0.32 15.16 7.49
C ARG A 109 1.66 15.19 6.78
N LEU A 110 1.97 14.19 5.89
CA LEU A 110 3.22 14.23 5.10
C LEU A 110 2.78 14.27 3.63
N GLU A 111 3.51 15.04 2.83
CA GLU A 111 3.22 15.12 1.37
C GLU A 111 4.50 14.79 0.66
N PHE A 112 4.40 14.00 -0.39
CA PHE A 112 5.51 13.57 -1.22
C PHE A 112 5.25 13.99 -2.63
N GLU A 113 6.28 14.33 -3.40
CA GLU A 113 6.04 14.64 -4.82
C GLU A 113 7.06 13.85 -5.71
N LEU A 114 6.60 13.54 -6.91
CA LEU A 114 7.41 12.83 -7.92
C LEU A 114 7.57 13.78 -9.10
N PHE A 115 8.80 13.98 -9.55
CA PHE A 115 9.10 14.90 -10.66
C PHE A 115 9.70 14.21 -11.84
N SER A 116 9.42 14.74 -13.02
CA SER A 116 9.88 14.27 -14.27
C SER A 116 11.29 14.70 -14.42
N ASP A 117 11.92 14.08 -15.39
CA ASP A 117 13.30 14.42 -15.63
C ASP A 117 13.45 15.85 -16.18
N LEU A 118 12.34 16.52 -16.50
CA LEU A 118 12.32 17.90 -17.00
C LEU A 118 11.96 18.87 -15.83
N ASN A 119 11.96 18.32 -14.60
CA ASN A 119 11.73 19.12 -13.39
C ASN A 119 10.34 19.66 -13.25
N ILE A 120 9.37 18.95 -13.83
CA ILE A 120 7.95 19.34 -13.73
C ILE A 120 7.25 18.27 -12.87
N ILE A 121 6.36 18.69 -11.96
CA ILE A 121 5.61 17.78 -11.11
C ILE A 121 4.99 16.66 -11.97
N GLU A 122 5.02 15.38 -11.50
CA GLU A 122 4.35 14.30 -12.19
C GLU A 122 3.20 13.72 -11.33
N ALA A 123 3.40 13.66 -9.99
CA ALA A 123 2.40 13.02 -9.11
C ALA A 123 2.67 13.48 -7.69
N LYS A 124 1.67 13.29 -6.87
N LYS A 124 1.73 13.24 -6.80
CA LYS A 124 1.77 13.65 -5.47
CA LYS A 124 1.99 13.63 -5.43
C LYS A 124 1.25 12.51 -4.58
C LYS A 124 1.14 12.71 -4.59
N VAL A 125 1.71 12.36 -3.38
CA VAL A 125 1.07 11.45 -2.42
C VAL A 125 0.95 12.17 -1.12
N SER A 126 -0.24 12.13 -0.52
CA SER A 126 -0.33 12.66 0.83
C SER A 126 -0.69 11.53 1.78
N MET A 127 -0.25 11.66 3.02
CA MET A 127 -0.59 10.69 4.03
C MET A 127 -0.99 11.43 5.30
N VAL A 128 -2.16 11.14 5.85
CA VAL A 128 -2.66 11.80 7.04
C VAL A 128 -2.85 10.71 8.12
N PHE A 129 -2.12 10.87 9.23
CA PHE A 129 -2.15 9.95 10.35
C PHE A 129 -2.87 10.50 11.59
N THR A 130 -3.90 9.78 11.97
CA THR A 130 -4.72 10.05 13.16
C THR A 130 -4.87 8.66 13.78
N ASP A 131 -6.06 8.29 14.26
CA ASP A 131 -6.25 6.87 14.53
C ASP A 131 -6.45 6.11 13.25
N LYS A 132 -6.58 6.81 12.15
CA LYS A 132 -6.75 6.14 10.88
C LYS A 132 -5.56 6.57 9.99
N CYS A 133 -5.39 5.97 8.78
CA CYS A 133 -4.32 6.37 7.84
C CYS A 133 -4.96 6.73 6.51
N HIS A 134 -4.91 8.04 6.15
CA HIS A 134 -5.55 8.33 4.87
C HIS A 134 -4.46 8.62 3.82
N LEU A 135 -4.29 7.78 2.84
CA LEU A 135 -3.28 7.91 1.82
C LEU A 135 -3.93 8.25 0.45
N THR A 136 -3.55 9.33 -0.16
CA THR A 136 -4.14 9.77 -1.44
C THR A 136 -3.06 9.93 -2.47
N PHE A 137 -3.30 9.45 -3.66
CA PHE A 137 -2.38 9.60 -4.78
C PHE A 137 -3.03 10.50 -5.84
N THR A 138 -2.33 11.50 -6.39
CA THR A 138 -2.87 12.36 -7.45
C THR A 138 -1.90 12.34 -8.57
N HIS A 139 -2.49 12.30 -9.76
CA HIS A 139 -1.80 12.26 -11.02
C HIS A 139 -1.74 13.64 -11.70
N TYR A 140 -0.56 14.08 -12.09
CA TYR A 140 -0.41 15.32 -12.81
C TYR A 140 0.24 15.08 -14.15
N GLY A 141 0.10 13.84 -14.64
CA GLY A 141 0.71 13.33 -15.83
C GLY A 141 0.30 13.93 -17.16
N GLU A 142 0.92 13.36 -18.19
CA GLU A 142 0.70 13.83 -19.55
C GLU A 142 -0.42 13.15 -20.22
N GLU A 143 -0.69 11.94 -19.83
CA GLU A 143 -1.79 11.25 -20.44
C GLU A 143 -2.61 10.55 -19.39
N SER A 144 -3.73 10.04 -19.84
CA SER A 144 -4.57 9.27 -18.95
C SER A 144 -3.72 8.15 -18.38
N ALA A 145 -3.96 7.82 -17.15
CA ALA A 145 -3.15 6.81 -16.47
C ALA A 145 -3.95 5.83 -15.64
N GLN A 146 -3.37 4.67 -15.40
CA GLN A 146 -3.88 3.76 -14.40
C GLN A 146 -3.09 3.98 -13.12
N ALA A 147 -3.70 3.66 -11.97
CA ALA A 147 -2.94 3.72 -10.74
C ALA A 147 -3.53 2.75 -9.77
N ALA A 148 -2.77 2.38 -8.77
CA ALA A 148 -3.27 1.49 -7.73
C ALA A 148 -2.41 1.67 -6.51
N LEU A 149 -3.04 1.60 -5.36
CA LEU A 149 -2.45 1.60 -4.05
C LEU A 149 -2.45 0.14 -3.69
N HIS A 150 -1.34 -0.51 -3.83
CA HIS A 150 -1.27 -1.95 -3.69
C HIS A 150 -1.01 -2.45 -2.27
N THR A 151 -1.95 -2.11 -1.43
CA THR A 151 -1.76 -2.28 0.02
C THR A 151 -1.61 -3.74 0.48
N TYR A 152 -0.51 -3.94 1.21
CA TYR A 152 -0.24 -5.26 1.84
C TYR A 152 -0.59 -5.16 3.28
N PHE A 153 -1.69 -5.88 3.62
CA PHE A 153 -2.15 -5.84 5.03
C PHE A 153 -1.54 -7.00 5.81
N ASN A 154 -1.12 -6.69 7.04
CA ASN A 154 -0.46 -7.62 7.93
C ASN A 154 -1.58 -8.41 8.70
N ILE A 155 -1.50 -9.75 8.66
CA ILE A 155 -2.54 -10.53 9.33
C ILE A 155 -1.92 -11.71 10.09
N GLY A 156 -2.64 -12.28 11.06
CA GLY A 156 -2.10 -13.40 11.84
C GLY A 156 -1.93 -14.72 11.10
N ASP A 157 -2.91 -15.04 10.25
CA ASP A 157 -2.85 -16.29 9.47
C ASP A 157 -3.82 -16.18 8.34
N ILE A 158 -3.31 -16.36 7.11
CA ILE A 158 -4.19 -16.29 5.94
C ILE A 158 -5.39 -17.26 6.09
N ASN A 159 -5.30 -18.28 6.91
CA ASN A 159 -6.44 -19.18 7.07
C ASN A 159 -7.57 -18.72 7.96
N GLN A 160 -7.32 -17.64 8.69
N GLN A 160 -7.32 -17.66 8.73
CA GLN A 160 -8.22 -17.14 9.65
CA GLN A 160 -8.32 -17.14 9.63
C GLN A 160 -8.71 -15.76 9.23
C GLN A 160 -8.80 -15.73 9.23
N VAL A 161 -8.71 -15.41 7.92
CA VAL A 161 -9.19 -14.08 7.53
C VAL A 161 -10.50 -14.12 6.70
N GLU A 162 -11.42 -13.14 6.90
N GLU A 162 -11.34 -13.06 6.89
CA GLU A 162 -12.52 -13.03 5.94
CA GLU A 162 -12.63 -12.86 6.23
C GLU A 162 -12.49 -11.64 5.43
C GLU A 162 -12.68 -11.52 5.48
N VAL A 163 -12.86 -11.55 4.16
CA VAL A 163 -12.92 -10.31 3.44
C VAL A 163 -14.41 -9.99 3.26
N GLN A 164 -14.84 -8.95 3.92
CA GLN A 164 -16.22 -8.49 3.89
C GLN A 164 -16.47 -7.33 2.95
N GLY A 165 -17.64 -7.34 2.29
CA GLY A 165 -18.01 -6.19 1.49
C GLY A 165 -17.69 -6.16 0.02
N LEU A 166 -17.03 -7.17 -0.52
CA LEU A 166 -16.82 -7.20 -1.97
C LEU A 166 -18.00 -7.86 -2.72
N PRO A 167 -18.08 -7.66 -4.03
CA PRO A 167 -19.23 -8.12 -4.85
C PRO A 167 -19.21 -9.66 -4.80
N GLU A 168 -20.23 -10.31 -5.39
CA GLU A 168 -20.27 -11.74 -5.45
C GLU A 168 -19.76 -12.24 -6.81
N THR A 169 -19.16 -11.34 -7.59
CA THR A 169 -18.46 -11.77 -8.77
C THR A 169 -17.16 -10.90 -8.93
N CYS A 170 -16.25 -11.38 -9.74
CA CYS A 170 -15.00 -10.67 -9.96
C CYS A 170 -14.40 -11.29 -11.18
N PHE A 171 -13.39 -10.63 -11.70
CA PHE A 171 -12.64 -11.14 -12.83
C PHE A 171 -11.40 -11.81 -12.27
N ASN A 172 -11.19 -13.08 -12.66
CA ASN A 172 -10.06 -13.91 -12.20
C ASN A 172 -8.88 -13.81 -13.16
N SER A 173 -7.82 -13.09 -12.78
CA SER A 173 -6.69 -12.84 -13.65
C SER A 173 -5.92 -14.10 -13.85
N LEU A 174 -6.14 -15.04 -12.93
CA LEU A 174 -5.37 -16.27 -12.95
C LEU A 174 -5.64 -17.01 -14.28
N ASN A 175 -6.92 -17.13 -14.61
CA ASN A 175 -7.34 -17.87 -15.78
C ASN A 175 -8.11 -16.98 -16.76
N GLN A 176 -8.04 -15.67 -16.51
CA GLN A 176 -8.68 -14.67 -17.35
C GLN A 176 -10.14 -14.95 -17.53
N GLN A 177 -10.82 -15.26 -16.44
CA GLN A 177 -12.24 -15.55 -16.55
C GLN A 177 -13.05 -14.82 -15.51
N GLN A 178 -14.23 -14.35 -15.87
CA GLN A 178 -15.12 -13.79 -14.89
C GLN A 178 -15.65 -14.99 -14.09
N GLU A 179 -15.82 -14.84 -12.77
CA GLU A 179 -16.31 -15.93 -11.89
C GLU A 179 -17.17 -15.44 -10.73
N ASN A 180 -18.00 -16.34 -10.23
CA ASN A 180 -18.87 -16.00 -9.13
C ASN A 180 -18.16 -16.22 -7.82
N VAL A 181 -18.49 -15.43 -6.78
CA VAL A 181 -17.80 -15.55 -5.49
C VAL A 181 -18.58 -15.14 -4.26
N PRO A 182 -18.25 -15.82 -3.15
CA PRO A 182 -18.81 -15.66 -1.81
C PRO A 182 -18.51 -14.32 -1.14
N SER A 183 -19.44 -13.86 -0.33
CA SER A 183 -19.14 -12.66 0.44
C SER A 183 -19.81 -12.82 1.79
N PRO A 184 -19.04 -12.91 2.86
CA PRO A 184 -17.57 -12.74 2.85
C PRO A 184 -16.80 -13.77 2.05
N ARG A 185 -15.52 -13.45 1.84
CA ARG A 185 -14.66 -14.34 1.08
C ARG A 185 -13.56 -14.70 2.01
N HIS A 186 -13.07 -15.93 1.87
CA HIS A 186 -11.96 -16.40 2.66
C HIS A 186 -10.96 -16.81 1.60
N ILE A 187 -9.72 -16.98 2.01
CA ILE A 187 -8.61 -17.29 1.10
C ILE A 187 -8.02 -18.64 1.46
N SER A 188 -8.11 -19.57 0.52
CA SER A 188 -7.66 -20.92 0.75
C SER A 188 -6.91 -21.39 -0.43
N GLU A 189 -6.36 -20.43 -1.17
CA GLU A 189 -5.63 -20.72 -2.36
C GLU A 189 -5.19 -19.42 -3.00
N ASN A 190 -4.38 -19.50 -4.02
CA ASN A 190 -3.91 -18.35 -4.82
C ASN A 190 -5.08 -17.60 -5.41
N VAL A 191 -5.20 -16.35 -4.97
CA VAL A 191 -6.26 -15.47 -5.42
C VAL A 191 -5.65 -14.22 -6.06
N ASP A 192 -6.12 -13.88 -7.25
CA ASP A 192 -5.63 -12.74 -8.02
C ASP A 192 -6.83 -12.20 -8.83
N CYS A 193 -7.70 -11.47 -8.16
N CYS A 193 -7.79 -11.58 -8.14
CA CYS A 193 -8.94 -11.10 -8.82
CA CYS A 193 -9.05 -11.18 -8.76
C CYS A 193 -9.34 -9.65 -8.74
C CYS A 193 -9.24 -9.67 -8.81
N ILE A 194 -9.91 -9.16 -9.81
CA ILE A 194 -10.31 -7.77 -9.90
C ILE A 194 -11.81 -7.61 -9.74
N TYR A 195 -12.23 -6.94 -8.69
CA TYR A 195 -13.61 -6.60 -8.49
C TYR A 195 -13.93 -5.17 -8.94
N SER A 196 -15.13 -4.99 -9.45
N SER A 196 -15.14 -4.99 -9.43
CA SER A 196 -15.66 -3.66 -9.68
CA SER A 196 -15.69 -3.67 -9.62
C SER A 196 -15.83 -3.12 -8.27
C SER A 196 -15.75 -3.12 -8.23
N ALA A 197 -15.62 -1.83 -8.11
CA ALA A 197 -15.76 -1.09 -6.85
C ALA A 197 -17.15 -0.56 -6.65
N GLU A 198 -18.09 -1.47 -6.46
CA GLU A 198 -19.49 -1.07 -6.33
C GLU A 198 -19.70 -0.18 -5.14
N ASN A 199 -19.26 -0.65 -4.00
CA ASN A 199 -19.40 0.06 -2.73
C ASN A 199 -17.98 0.42 -2.31
N MET A 200 -17.78 1.59 -1.73
CA MET A 200 -16.40 2.02 -1.41
C MET A 200 -15.85 1.54 -0.07
N GLN A 201 -16.62 0.71 0.64
CA GLN A 201 -16.13 0.16 1.90
C GLN A 201 -16.03 -1.37 1.86
N ASN A 202 -14.93 -1.89 2.33
CA ASN A 202 -14.75 -3.32 2.49
C ASN A 202 -13.87 -3.46 3.71
N GLN A 203 -13.84 -4.65 4.28
CA GLN A 203 -13.07 -4.76 5.51
C GLN A 203 -12.44 -6.13 5.62
N ILE A 204 -11.38 -6.26 6.41
CA ILE A 204 -10.70 -7.50 6.47
C ILE A 204 -10.75 -7.97 7.90
N LEU A 205 -11.48 -9.05 8.08
CA LEU A 205 -11.65 -9.63 9.38
C LEU A 205 -10.53 -10.60 9.65
N ASP A 206 -9.81 -10.37 10.74
CA ASP A 206 -8.71 -11.21 11.15
C ASP A 206 -8.99 -11.77 12.57
N LYS A 207 -9.15 -13.10 12.62
CA LYS A 207 -9.54 -13.85 13.82
C LYS A 207 -8.25 -14.49 14.37
N SER A 208 -7.12 -14.30 13.69
CA SER A 208 -5.85 -14.70 14.29
C SER A 208 -5.29 -13.55 15.18
N PHE A 209 -5.16 -12.32 14.64
CA PHE A 209 -4.74 -11.21 15.47
C PHE A 209 -5.97 -10.63 16.20
N ASN A 210 -7.13 -11.18 15.87
N ASN A 210 -7.13 -11.17 15.88
CA ASN A 210 -8.38 -10.73 16.48
CA ASN A 210 -8.39 -10.70 16.47
C ASN A 210 -8.66 -9.20 16.35
C ASN A 210 -8.67 -9.18 16.34
N ARG A 211 -8.76 -8.69 15.13
CA ARG A 211 -9.06 -7.31 14.84
C ARG A 211 -9.72 -7.21 13.48
N THR A 212 -10.27 -6.04 13.14
CA THR A 212 -10.79 -5.82 11.83
C THR A 212 -10.12 -4.61 11.21
N ILE A 213 -9.61 -4.79 10.02
CA ILE A 213 -9.03 -3.68 9.28
C ILE A 213 -10.14 -3.13 8.40
N ALA A 214 -10.62 -1.94 8.72
CA ALA A 214 -11.73 -1.37 7.91
C ALA A 214 -11.18 -0.44 6.81
N LEU A 215 -11.75 -0.49 5.60
CA LEU A 215 -11.22 0.33 4.48
C LEU A 215 -12.29 1.20 3.89
N HIS A 216 -12.03 2.51 3.82
CA HIS A 216 -12.94 3.45 3.14
C HIS A 216 -12.20 4.01 1.91
N HIS A 217 -12.49 3.48 0.72
CA HIS A 217 -11.80 3.91 -0.51
C HIS A 217 -12.47 5.18 -1.09
N HIS A 218 -11.75 5.96 -1.89
CA HIS A 218 -12.38 7.10 -2.61
C HIS A 218 -11.93 7.09 -4.06
N ASN A 219 -12.87 7.29 -4.95
CA ASN A 219 -12.55 7.31 -6.38
C ASN A 219 -11.91 6.07 -7.01
N ALA A 220 -12.14 4.89 -6.38
CA ALA A 220 -11.66 3.63 -6.92
C ALA A 220 -12.63 3.21 -8.01
N SER A 221 -12.15 2.49 -8.98
CA SER A 221 -13.04 1.90 -9.96
C SER A 221 -12.93 0.38 -9.81
N GLN A 222 -11.78 -0.12 -9.39
CA GLN A 222 -11.50 -1.55 -9.27
C GLN A 222 -10.90 -1.82 -7.89
N PHE A 223 -11.10 -3.00 -7.36
CA PHE A 223 -10.47 -3.43 -6.10
C PHE A 223 -9.82 -4.77 -6.44
N VAL A 224 -8.51 -4.88 -6.22
CA VAL A 224 -7.81 -6.11 -6.57
C VAL A 224 -7.53 -6.92 -5.27
N LEU A 225 -7.96 -8.17 -5.22
CA LEU A 225 -7.73 -8.96 -4.00
C LEU A 225 -6.69 -9.95 -4.41
N TRP A 226 -5.56 -10.02 -3.65
CA TRP A 226 -4.43 -10.86 -4.09
C TRP A 226 -3.64 -11.52 -2.94
N ASN A 227 -3.35 -12.83 -3.08
CA ASN A 227 -2.50 -13.61 -2.14
C ASN A 227 -1.85 -14.67 -3.01
N PRO A 228 -0.54 -14.68 -3.10
CA PRO A 228 0.16 -15.53 -4.03
C PRO A 228 0.12 -17.02 -3.59
N TRP A 229 -0.20 -17.23 -2.33
CA TRP A 229 -0.38 -18.56 -1.77
C TRP A 229 0.94 -19.34 -2.00
N HIS A 230 0.94 -20.39 -2.85
CA HIS A 230 2.19 -21.16 -3.01
C HIS A 230 3.18 -20.75 -4.12
N LYS A 231 2.80 -19.74 -4.96
CA LYS A 231 3.70 -19.31 -6.05
C LYS A 231 4.91 -18.67 -5.49
N LYS A 232 6.05 -19.02 -6.05
CA LYS A 232 7.26 -18.37 -5.58
C LYS A 232 7.07 -16.91 -6.05
N THR A 233 7.46 -15.99 -5.21
CA THR A 233 7.21 -14.58 -5.51
C THR A 233 8.47 -13.86 -5.11
N SER A 234 9.03 -13.08 -6.04
CA SER A 234 10.31 -12.40 -5.80
C SER A 234 10.17 -11.48 -4.58
N GLY A 235 11.21 -11.47 -3.77
CA GLY A 235 11.21 -10.76 -2.51
C GLY A 235 10.32 -11.30 -1.37
N MET A 236 9.69 -12.49 -1.52
CA MET A 236 8.86 -13.13 -0.51
C MET A 236 9.51 -14.43 -0.17
N SER A 237 9.50 -14.69 1.12
CA SER A 237 10.00 -15.98 1.66
C SER A 237 9.00 -16.99 1.27
N GLU A 238 9.27 -18.28 1.56
CA GLU A 238 8.32 -19.30 1.16
C GLU A 238 7.12 -19.37 2.05
N THR A 239 7.19 -18.66 3.16
CA THR A 239 6.17 -18.61 4.21
C THR A 239 5.43 -17.24 4.31
N GLY A 240 5.90 -16.27 3.55
CA GLY A 240 5.34 -14.93 3.56
C GLY A 240 3.84 -14.87 3.31
N TYR A 241 3.28 -15.67 2.39
CA TYR A 241 1.86 -15.48 2.07
C TYR A 241 0.95 -15.66 3.29
N GLN A 242 1.42 -16.34 4.33
CA GLN A 242 0.55 -16.64 5.44
C GLN A 242 0.23 -15.47 6.29
N LYS A 243 1.03 -14.40 6.16
CA LYS A 243 0.87 -13.28 7.08
C LYS A 243 0.46 -12.00 6.35
N MET A 244 0.02 -12.13 5.12
CA MET A 244 -0.30 -10.94 4.31
C MET A 244 -1.55 -11.19 3.45
N LEU A 245 -2.17 -10.10 3.07
CA LEU A 245 -3.22 -10.12 2.08
C LEU A 245 -3.26 -8.72 1.45
N CYS A 246 -3.29 -8.69 0.13
CA CYS A 246 -3.49 -7.40 -0.57
C CYS A 246 -4.93 -7.13 -0.96
N LEU A 247 -5.42 -5.94 -0.60
CA LEU A 247 -6.75 -5.42 -0.99
C LEU A 247 -6.39 -4.04 -1.59
N GLU A 248 -6.19 -4.01 -2.88
CA GLU A 248 -5.71 -2.85 -3.59
C GLU A 248 -6.79 -1.86 -4.06
N THR A 249 -6.58 -0.57 -3.78
CA THR A 249 -7.46 0.54 -4.22
C THR A 249 -7.06 0.87 -5.66
N ALA A 250 -7.91 0.74 -6.67
CA ALA A 250 -7.37 0.83 -8.02
C ALA A 250 -8.22 1.55 -9.07
N ARG A 251 -7.56 2.07 -10.09
CA ARG A 251 -8.16 2.75 -11.23
C ARG A 251 -7.49 2.02 -12.39
N ILE A 252 -8.12 0.93 -12.81
CA ILE A 252 -7.54 0.10 -13.86
C ILE A 252 -8.25 0.30 -15.20
N HIS A 253 -9.60 0.20 -15.14
CA HIS A 253 -10.39 0.36 -16.40
C HIS A 253 -10.99 1.77 -16.50
N HIS A 254 -11.09 2.49 -15.41
CA HIS A 254 -11.52 3.87 -15.42
C HIS A 254 -10.22 4.62 -15.23
N LEU A 255 -9.71 5.27 -16.29
CA LEU A 255 -8.39 5.97 -16.17
C LEU A 255 -8.44 7.19 -15.33
N LEU A 256 -7.24 7.68 -14.89
CA LEU A 256 -7.13 8.93 -14.17
C LEU A 256 -6.69 10.00 -15.11
N GLU A 257 -7.33 11.18 -15.04
CA GLU A 257 -6.93 12.29 -15.82
C GLU A 257 -6.17 13.30 -14.92
N PHE A 258 -5.59 14.31 -15.56
CA PHE A 258 -4.75 15.26 -14.85
C PHE A 258 -5.50 15.78 -13.61
N GLY A 259 -4.90 15.77 -12.42
CA GLY A 259 -5.53 16.28 -11.21
C GLY A 259 -6.51 15.43 -10.50
N GLU A 260 -6.85 14.25 -11.04
CA GLU A 260 -7.73 13.33 -10.36
C GLU A 260 -6.98 12.51 -9.32
N SER A 261 -7.58 12.23 -8.21
CA SER A 261 -6.92 11.41 -7.23
C SER A 261 -7.65 10.12 -6.90
N LEU A 262 -6.99 9.23 -6.15
CA LEU A 262 -7.64 8.07 -5.65
C LEU A 262 -7.04 7.90 -4.27
N SER A 263 -7.84 7.44 -3.31
CA SER A 263 -7.29 7.27 -2.01
C SER A 263 -7.94 6.17 -1.22
N VAL A 264 -7.35 5.89 -0.06
CA VAL A 264 -7.88 4.90 0.87
C VAL A 264 -7.67 5.38 2.30
N GLU A 265 -8.65 5.11 3.06
CA GLU A 265 -8.60 5.40 4.49
C GLU A 265 -8.64 4.06 5.23
N ILE A 266 -7.57 3.77 5.96
CA ILE A 266 -7.34 2.55 6.75
C ILE A 266 -7.55 2.76 8.27
N SER A 267 -8.24 1.82 8.91
CA SER A 267 -8.48 1.96 10.36
C SER A 267 -8.67 0.57 10.92
N LEU A 268 -8.49 0.48 12.24
CA LEU A 268 -8.71 -0.80 12.95
C LEU A 268 -9.95 -0.71 13.81
N LYS A 269 -10.65 -1.84 13.92
CA LYS A 269 -11.77 -1.99 14.86
C LYS A 269 -11.86 -3.48 15.22
#